data_4MIX
#
_entry.id   4MIX
#
_cell.length_a   145.817
_cell.length_b   42.127
_cell.length_c   116.367
_cell.angle_alpha   90.00
_cell.angle_beta   99.52
_cell.angle_gamma   90.00
#
_symmetry.space_group_name_H-M   'C 1 2 1'
#
loop_
_entity.id
_entity.type
_entity.pdbx_description
1 polymer 'Putative insecticidal toxin'
2 non-polymer 'CALCIUM ION'
3 non-polymer URIDINE-DIPHOSPHATE-N-ACETYLGLUCOSAMINE
4 water water
#
_entity_poly.entity_id   1
_entity_poly.type   'polypeptide(L)'
_entity_poly.pdbx_seq_one_letter_code
;GEWFKHSETGLKGGGPIDDIRKYIARKSAIKIFNQSINYSATKWPPEPIDKNIH(MSE)IWIGTKNISEKNIKLSIDTAK
KNPDYNTSIIYDSGISGHEGAKKF(MSE)LEKFQDSNVNIIDFRKKSYFSQLKQEPSFAYYEQVIAENKYAQASDILRLL
VLKYEGGIYKDIDDIQVKGFGSLTFPKGIGV(MSE)REYAPEAGKATAFPNTPIAVTKNNPIINKTLDLAVSNYQRGEKN
VLKLAGPDVFTQALYQEIPGLDSKVLNAQLYQLELAKRQALGVPLEKPKNFADEQLTSAEKEKINRPYQSIRGLSGYVEN
GADHSWAVDTNIPSTSTQTSTIVTPLAP
;
_entity_poly.pdbx_strand_id   A,B
#
loop_
_chem_comp.id
_chem_comp.type
_chem_comp.name
_chem_comp.formula
CA non-polymer 'CALCIUM ION' 'Ca 2'
UD1 non-polymer URIDINE-DIPHOSPHATE-N-ACETYLGLUCOSAMINE 'C17 H27 N3 O17 P2'
#
# COMPACT_ATOMS: atom_id res chain seq x y z
N ASP A 18 35.28 32.62 17.13
CA ASP A 18 35.68 31.28 16.60
C ASP A 18 34.66 30.18 16.94
N ASP A 19 34.15 30.20 18.17
CA ASP A 19 33.17 29.21 18.61
C ASP A 19 31.81 29.38 17.93
N ILE A 20 31.49 30.63 17.59
CA ILE A 20 30.24 30.96 16.88
C ILE A 20 30.34 30.51 15.41
N ARG A 21 31.56 30.54 14.88
CA ARG A 21 31.85 30.09 13.51
C ARG A 21 31.63 28.59 13.35
N LYS A 22 32.04 27.80 14.35
CA LYS A 22 31.82 26.35 14.32
C LYS A 22 30.36 25.97 14.58
N TYR A 23 29.68 26.78 15.38
CA TYR A 23 28.25 26.59 15.62
C TYR A 23 27.46 26.86 14.34
N ILE A 24 27.79 27.94 13.66
CA ILE A 24 27.16 28.26 12.38
C ILE A 24 27.44 27.15 11.35
N ALA A 25 28.70 26.75 11.21
CA ALA A 25 29.07 25.67 10.29
C ALA A 25 28.32 24.35 10.55
N ARG A 26 28.15 24.00 11.83
CA ARG A 26 27.45 22.76 12.21
C ARG A 26 25.94 22.81 12.01
N LYS A 27 25.31 23.92 12.36
CA LYS A 27 23.87 24.01 12.19
C LYS A 27 23.51 24.07 10.69
N SER A 28 24.36 24.70 9.89
CA SER A 28 24.18 24.76 8.45
CA SER A 28 24.18 24.76 8.45
C SER A 28 24.36 23.38 7.82
N ALA A 29 25.41 22.67 8.25
CA ALA A 29 25.72 21.34 7.72
C ALA A 29 24.62 20.34 8.09
N ILE A 30 24.15 20.38 9.33
CA ILE A 30 23.04 19.50 9.74
C ILE A 30 21.71 19.86 9.04
N LYS A 31 21.48 21.14 8.82
CA LYS A 31 20.31 21.59 8.08
C LYS A 31 20.27 20.93 6.69
N ILE A 32 21.39 21.02 5.98
CA ILE A 32 21.56 20.43 4.64
C ILE A 32 21.32 18.92 4.68
N PHE A 33 21.93 18.26 5.66
CA PHE A 33 21.75 16.84 5.92
C PHE A 33 20.29 16.44 6.13
N ASN A 34 19.58 17.10 7.05
CA ASN A 34 18.15 16.79 7.28
C ASN A 34 17.29 16.99 6.05
N GLN A 35 17.56 18.05 5.30
CA GLN A 35 16.80 18.33 4.08
C GLN A 35 16.99 17.19 3.09
N SER A 36 18.22 16.67 3.03
CA SER A 36 18.56 15.58 2.13
C SER A 36 17.86 14.27 2.54
N ILE A 37 17.87 13.94 3.84
CA ILE A 37 17.13 12.80 4.39
C ILE A 37 15.62 12.96 4.13
N ASN A 38 15.09 14.15 4.39
CA ASN A 38 13.67 14.43 4.13
C ASN A 38 13.30 14.28 2.65
N TYR A 39 14.20 14.69 1.76
CA TYR A 39 13.99 14.54 0.34
C TYR A 39 14.02 13.05 -0.08
N SER A 40 14.95 12.29 0.51
CA SER A 40 15.16 10.89 0.15
CA SER A 40 15.16 10.89 0.15
C SER A 40 13.92 10.02 0.34
N ALA A 41 13.07 10.39 1.30
CA ALA A 41 11.86 9.62 1.59
C ALA A 41 10.90 9.56 0.41
N THR A 42 10.84 10.65 -0.36
CA THR A 42 9.85 10.80 -1.44
C THR A 42 10.52 11.15 -2.77
N LYS A 43 11.79 10.77 -2.93
CA LYS A 43 12.61 11.19 -4.08
C LYS A 43 12.07 10.76 -5.45
N TRP A 44 11.34 9.65 -5.49
CA TRP A 44 10.68 9.17 -6.71
C TRP A 44 9.15 9.09 -6.57
N PRO A 45 8.43 10.10 -7.08
CA PRO A 45 6.99 10.14 -6.87
C PRO A 45 6.32 8.89 -7.44
N PRO A 46 5.44 8.23 -6.65
CA PRO A 46 4.81 6.99 -7.11
C PRO A 46 4.03 7.23 -8.40
N GLU A 47 4.12 6.28 -9.33
CA GLU A 47 3.50 6.39 -10.65
C GLU A 47 2.36 5.38 -10.75
N PRO A 48 1.17 5.80 -11.23
CA PRO A 48 0.02 4.89 -11.34
C PRO A 48 0.26 3.72 -12.32
N ILE A 49 -0.23 2.53 -11.97
CA ILE A 49 -0.13 1.35 -12.83
C ILE A 49 -1.46 1.20 -13.56
N ASP A 50 -1.43 1.08 -14.89
CA ASP A 50 -2.62 0.85 -15.73
CA ASP A 50 -2.64 0.86 -15.70
C ASP A 50 -3.43 -0.36 -15.24
N LYS A 51 -4.76 -0.24 -15.21
CA LYS A 51 -5.59 -1.31 -14.66
C LYS A 51 -5.86 -2.49 -15.62
N ASN A 52 -4.79 -3.13 -16.09
CA ASN A 52 -4.89 -4.36 -16.86
C ASN A 52 -4.13 -5.47 -16.18
N ILE A 53 -4.78 -6.62 -16.03
CA ILE A 53 -4.08 -7.80 -15.54
C ILE A 53 -3.81 -8.71 -16.74
N HIS A 54 -2.55 -9.05 -16.96
CA HIS A 54 -2.17 -9.91 -18.09
C HIS A 54 -1.77 -11.29 -17.57
N MSE A 55 -2.39 -12.34 -18.10
CA MSE A 55 -1.95 -13.70 -17.81
C MSE A 55 -1.70 -14.39 -19.13
O MSE A 55 -2.20 -13.97 -20.19
CB MSE A 55 -2.93 -14.45 -16.90
CG MSE A 55 -3.33 -13.57 -15.72
SE MSE A 55 -4.34 -14.67 -14.47
CE MSE A 55 -6.07 -14.56 -15.43
N ILE A 56 -0.85 -15.40 -19.09
CA ILE A 56 -0.44 -16.11 -20.32
C ILE A 56 -0.84 -17.59 -20.28
N TRP A 57 -1.57 -18.01 -21.31
CA TRP A 57 -1.72 -19.41 -21.60
C TRP A 57 -1.56 -19.69 -23.11
N ILE A 58 -0.33 -19.97 -23.50
CA ILE A 58 0.01 -20.25 -24.89
C ILE A 58 0.23 -21.74 -25.06
N GLY A 59 0.19 -22.20 -26.30
CA GLY A 59 0.56 -23.58 -26.59
C GLY A 59 -0.62 -24.36 -27.09
N THR A 60 -0.69 -25.63 -26.70
CA THR A 60 -1.60 -26.56 -27.38
C THR A 60 -2.41 -27.37 -26.38
N LYS A 61 -1.99 -27.33 -25.12
CA LYS A 61 -2.65 -28.04 -24.02
CA LYS A 61 -2.67 -28.04 -24.05
C LYS A 61 -3.80 -27.20 -23.45
N ASN A 62 -4.94 -27.85 -23.19
CA ASN A 62 -6.05 -27.21 -22.49
C ASN A 62 -5.63 -26.70 -21.13
N ILE A 63 -6.05 -25.48 -20.81
CA ILE A 63 -5.94 -24.93 -19.47
C ILE A 63 -6.66 -25.89 -18.49
N SER A 64 -6.10 -26.07 -17.30
CA SER A 64 -6.66 -27.00 -16.32
C SER A 64 -7.87 -26.37 -15.66
N GLU A 65 -8.79 -27.23 -15.21
CA GLU A 65 -9.99 -26.72 -14.52
CA GLU A 65 -9.99 -26.79 -14.47
C GLU A 65 -9.60 -25.92 -13.27
N LYS A 66 -8.53 -26.33 -12.58
CA LYS A 66 -8.01 -25.57 -11.45
C LYS A 66 -7.67 -24.12 -11.84
N ASN A 67 -6.94 -23.95 -12.93
CA ASN A 67 -6.53 -22.62 -13.39
C ASN A 67 -7.65 -21.81 -13.99
N ILE A 68 -8.68 -22.46 -14.51
CA ILE A 68 -9.87 -21.70 -14.94
C ILE A 68 -10.47 -21.03 -13.71
N LYS A 69 -10.61 -21.79 -12.62
CA LYS A 69 -11.19 -21.29 -11.38
C LYS A 69 -10.34 -20.18 -10.75
N LEU A 70 -9.02 -20.37 -10.65
CA LEU A 70 -8.11 -19.31 -10.19
C LEU A 70 -8.21 -18.04 -11.03
N SER A 71 -8.39 -18.18 -12.35
CA SER A 71 -8.42 -17.04 -13.26
C SER A 71 -9.71 -16.23 -13.11
N ILE A 72 -10.83 -16.94 -13.02
CA ILE A 72 -12.11 -16.32 -12.77
C ILE A 72 -12.07 -15.63 -11.41
N ASP A 73 -11.49 -16.27 -10.39
CA ASP A 73 -11.39 -15.68 -9.06
CA ASP A 73 -11.39 -15.65 -9.07
C ASP A 73 -10.52 -14.40 -9.11
N THR A 74 -9.48 -14.45 -9.94
CA THR A 74 -8.61 -13.29 -10.17
C THR A 74 -9.42 -12.14 -10.75
N ALA A 75 -10.30 -12.43 -11.71
CA ALA A 75 -11.16 -11.39 -12.29
C ALA A 75 -12.19 -10.86 -11.27
N LYS A 76 -12.80 -11.76 -10.49
CA LYS A 76 -13.84 -11.37 -9.53
C LYS A 76 -13.30 -10.45 -8.44
N LYS A 77 -12.13 -10.79 -7.91
CA LYS A 77 -11.48 -9.96 -6.90
C LYS A 77 -10.84 -8.69 -7.46
N ASN A 78 -10.96 -8.47 -8.77
CA ASN A 78 -10.45 -7.25 -9.40
C ASN A 78 -11.41 -6.63 -10.40
N PRO A 79 -12.65 -6.27 -9.94
CA PRO A 79 -13.66 -5.87 -10.91
C PRO A 79 -13.35 -4.53 -11.60
N ASP A 80 -12.38 -3.80 -11.05
CA ASP A 80 -11.92 -2.55 -11.64
C ASP A 80 -10.85 -2.72 -12.73
N TYR A 81 -10.48 -3.97 -13.00
CA TYR A 81 -9.42 -4.30 -13.96
C TYR A 81 -9.96 -5.08 -15.15
N ASN A 82 -9.35 -4.84 -16.31
CA ASN A 82 -9.42 -5.76 -17.45
CA ASN A 82 -9.42 -5.75 -17.43
C ASN A 82 -8.48 -6.93 -17.18
N THR A 83 -9.05 -8.12 -17.01
CA THR A 83 -8.26 -9.34 -16.79
C THR A 83 -8.30 -10.12 -18.10
N SER A 84 -7.12 -10.49 -18.60
CA SER A 84 -6.98 -11.17 -19.89
CA SER A 84 -7.06 -11.23 -19.84
C SER A 84 -6.04 -12.35 -19.80
N ILE A 85 -6.31 -13.37 -20.59
CA ILE A 85 -5.39 -14.48 -20.81
C ILE A 85 -4.99 -14.36 -22.27
N ILE A 86 -3.68 -14.29 -22.51
CA ILE A 86 -3.14 -14.14 -23.85
C ILE A 86 -2.71 -15.52 -24.37
N TYR A 87 -3.22 -15.90 -25.53
CA TYR A 87 -2.69 -17.04 -26.25
C TYR A 87 -1.95 -16.56 -27.51
N ASP A 88 -1.43 -17.50 -28.30
CA ASP A 88 -0.67 -17.17 -29.49
C ASP A 88 -1.12 -18.03 -30.68
N SER A 89 -1.80 -17.41 -31.64
CA SER A 89 -2.25 -18.16 -32.82
C SER A 89 -1.12 -18.54 -33.81
N GLY A 90 0.10 -18.05 -33.59
CA GLY A 90 1.25 -18.46 -34.39
C GLY A 90 1.84 -19.79 -33.97
N ILE A 91 1.19 -20.49 -33.02
CA ILE A 91 1.63 -21.80 -32.56
C ILE A 91 0.80 -22.88 -33.27
N SER A 92 1.45 -23.70 -34.08
CA SER A 92 0.79 -24.85 -34.75
C SER A 92 0.00 -25.71 -33.81
N GLY A 93 -1.27 -25.96 -34.15
CA GLY A 93 -2.12 -26.84 -33.32
C GLY A 93 -2.72 -26.19 -32.07
N HIS A 94 -2.56 -24.89 -31.93
CA HIS A 94 -3.16 -24.11 -30.83
C HIS A 94 -4.69 -24.08 -30.83
N GLU A 95 -5.33 -24.44 -31.95
CA GLU A 95 -6.78 -24.19 -32.13
C GLU A 95 -7.72 -24.81 -31.10
N GLY A 96 -7.50 -26.09 -30.79
CA GLY A 96 -8.23 -26.80 -29.74
C GLY A 96 -8.19 -26.09 -28.38
N ALA A 97 -6.98 -25.75 -27.92
CA ALA A 97 -6.79 -25.10 -26.63
C ALA A 97 -7.49 -23.75 -26.56
N LYS A 98 -7.41 -23.00 -27.65
CA LYS A 98 -8.08 -21.71 -27.80
C LYS A 98 -9.59 -21.85 -27.61
N LYS A 99 -10.19 -22.75 -28.39
CA LYS A 99 -11.64 -22.98 -28.39
C LYS A 99 -12.19 -23.40 -27.04
N PHE A 100 -11.45 -24.32 -26.39
CA PHE A 100 -11.73 -24.78 -25.05
C PHE A 100 -11.80 -23.58 -24.10
N MSE A 101 -10.82 -22.66 -24.19
CA MSE A 101 -10.78 -21.50 -23.29
C MSE A 101 -11.91 -20.55 -23.54
O MSE A 101 -12.50 -20.03 -22.59
CB MSE A 101 -9.51 -20.66 -23.43
CG MSE A 101 -8.42 -21.37 -22.69
SE MSE A 101 -6.98 -20.08 -22.40
CE MSE A 101 -6.35 -19.87 -24.25
N LEU A 102 -12.23 -20.29 -24.82
CA LEU A 102 -13.26 -19.35 -25.16
C LEU A 102 -14.56 -19.83 -24.50
N GLU A 103 -14.86 -21.11 -24.64
CA GLU A 103 -16.10 -21.69 -24.07
C GLU A 103 -16.07 -21.71 -22.53
N LYS A 104 -14.92 -22.02 -21.93
CA LYS A 104 -14.87 -22.06 -20.47
C LYS A 104 -14.93 -20.69 -19.81
N PHE A 105 -14.47 -19.64 -20.48
CA PHE A 105 -14.50 -18.30 -19.90
C PHE A 105 -15.63 -17.41 -20.42
N GLN A 106 -16.48 -17.96 -21.29
CA GLN A 106 -17.58 -17.20 -21.91
C GLN A 106 -18.42 -16.44 -20.87
N ASP A 107 -18.82 -17.12 -19.80
CA ASP A 107 -19.66 -16.63 -18.73
CA ASP A 107 -19.66 -16.44 -18.82
C ASP A 107 -18.87 -15.89 -17.63
N SER A 108 -17.74 -15.28 -17.97
CA SER A 108 -16.90 -14.63 -16.98
C SER A 108 -16.40 -13.32 -17.55
N ASN A 109 -15.75 -12.52 -16.72
CA ASN A 109 -15.15 -11.31 -17.20
C ASN A 109 -13.68 -11.51 -17.56
N VAL A 110 -13.28 -12.75 -17.79
CA VAL A 110 -11.93 -13.02 -18.30
C VAL A 110 -11.94 -12.93 -19.83
N ASN A 111 -11.11 -12.05 -20.37
CA ASN A 111 -10.98 -11.87 -21.83
C ASN A 111 -9.90 -12.80 -22.40
N ILE A 112 -10.21 -13.53 -23.46
CA ILE A 112 -9.23 -14.40 -24.13
C ILE A 112 -8.78 -13.70 -25.41
N ILE A 113 -7.47 -13.42 -25.52
CA ILE A 113 -6.99 -12.56 -26.62
C ILE A 113 -5.73 -13.11 -27.26
N ASP A 114 -5.67 -12.95 -28.57
CA ASP A 114 -4.52 -13.38 -29.38
C ASP A 114 -3.38 -12.36 -29.36
N PHE A 115 -2.18 -12.82 -28.99
CA PHE A 115 -1.02 -11.93 -28.99
C PHE A 115 -0.80 -11.33 -30.39
N ARG A 116 -1.02 -12.16 -31.41
CA ARG A 116 -0.84 -11.78 -32.79
C ARG A 116 -1.77 -10.63 -33.21
N LYS A 117 -2.85 -10.42 -32.47
CA LYS A 117 -3.84 -9.36 -32.76
C LYS A 117 -3.66 -8.10 -31.93
N LYS A 118 -2.64 -8.08 -31.07
CA LYS A 118 -2.27 -6.86 -30.38
C LYS A 118 -2.05 -5.70 -31.38
N SER A 119 -2.47 -4.50 -30.99
CA SER A 119 -2.34 -3.30 -31.85
C SER A 119 -0.89 -2.95 -32.16
N TYR A 120 -0.01 -3.23 -31.19
CA TYR A 120 1.43 -3.00 -31.33
C TYR A 120 2.22 -4.14 -31.99
N PHE A 121 1.53 -5.18 -32.44
CA PHE A 121 2.22 -6.36 -32.95
C PHE A 121 3.25 -6.11 -34.06
N SER A 122 2.92 -5.21 -34.98
CA SER A 122 3.80 -4.93 -36.13
C SER A 122 5.16 -4.35 -35.70
N GLN A 123 5.20 -3.71 -34.54
CA GLN A 123 6.42 -3.16 -33.99
C GLN A 123 7.40 -4.22 -33.50
N LEU A 124 6.91 -5.44 -33.25
CA LEU A 124 7.75 -6.51 -32.71
CA LEU A 124 7.75 -6.50 -32.70
C LEU A 124 8.76 -7.05 -33.72
N LYS A 125 8.59 -6.70 -35.00
CA LYS A 125 9.56 -7.13 -35.99
C LYS A 125 10.95 -6.49 -35.79
N GLN A 126 10.99 -5.43 -34.98
CA GLN A 126 12.22 -4.75 -34.62
C GLN A 126 12.83 -5.28 -33.31
N GLU A 127 12.20 -6.26 -32.67
CA GLU A 127 12.71 -6.78 -31.37
C GLU A 127 13.54 -8.07 -31.50
N PRO A 128 14.86 -8.00 -31.22
CA PRO A 128 15.60 -9.25 -31.25
C PRO A 128 15.02 -10.24 -30.26
N SER A 129 14.43 -9.79 -29.15
CA SER A 129 13.90 -10.72 -28.16
C SER A 129 12.74 -11.51 -28.73
N PHE A 130 11.99 -10.90 -29.64
CA PHE A 130 10.86 -11.62 -30.22
C PHE A 130 11.33 -12.70 -31.19
N ALA A 131 12.45 -12.48 -31.88
CA ALA A 131 13.10 -13.54 -32.70
C ALA A 131 13.42 -14.77 -31.84
N TYR A 132 14.02 -14.54 -30.67
CA TYR A 132 14.20 -15.63 -29.74
C TYR A 132 12.92 -16.31 -29.25
N TYR A 133 11.88 -15.52 -28.96
CA TYR A 133 10.56 -16.08 -28.62
C TYR A 133 10.02 -17.04 -29.70
N GLU A 134 10.12 -16.64 -30.97
CA GLU A 134 9.69 -17.47 -32.10
C GLU A 134 10.51 -18.76 -32.14
N GLN A 135 11.80 -18.69 -31.82
CA GLN A 135 12.61 -19.93 -31.74
C GLN A 135 12.13 -20.85 -30.61
N VAL A 136 11.76 -20.25 -29.47
CA VAL A 136 11.43 -21.03 -28.30
C VAL A 136 10.09 -21.72 -28.50
N ILE A 137 9.09 -21.02 -29.04
CA ILE A 137 7.80 -21.66 -29.28
C ILE A 137 7.86 -22.72 -30.38
N ALA A 138 8.77 -22.54 -31.35
CA ALA A 138 8.98 -23.54 -32.41
C ALA A 138 9.57 -24.86 -31.88
N GLU A 139 10.15 -24.82 -30.68
CA GLU A 139 10.55 -26.04 -29.98
CA GLU A 139 10.57 -26.03 -29.97
C GLU A 139 9.54 -26.45 -28.91
N ASN A 140 8.35 -25.86 -28.96
CA ASN A 140 7.28 -26.19 -28.02
C ASN A 140 7.64 -25.97 -26.54
N LYS A 141 8.51 -24.99 -26.28
CA LYS A 141 8.92 -24.69 -24.91
C LYS A 141 8.10 -23.53 -24.34
N TYR A 142 6.83 -23.81 -24.05
CA TYR A 142 5.90 -22.73 -23.70
C TYR A 142 6.20 -22.03 -22.38
N ALA A 143 6.60 -22.76 -21.34
CA ALA A 143 6.91 -22.09 -20.06
C ALA A 143 8.10 -21.15 -20.23
N GLN A 144 9.13 -21.63 -20.91
CA GLN A 144 10.33 -20.80 -21.18
C GLN A 144 9.98 -19.56 -22.01
N ALA A 145 9.16 -19.78 -23.04
CA ALA A 145 8.67 -18.69 -23.91
C ALA A 145 7.98 -17.56 -23.14
N SER A 146 7.15 -17.93 -22.15
CA SER A 146 6.38 -16.97 -21.35
C SER A 146 7.28 -16.01 -20.57
N ASP A 147 8.51 -16.41 -20.26
CA ASP A 147 9.47 -15.50 -19.66
C ASP A 147 9.79 -14.29 -20.53
N ILE A 148 9.82 -14.49 -21.85
CA ILE A 148 10.06 -13.40 -22.80
C ILE A 148 8.77 -12.69 -23.06
N LEU A 149 7.72 -13.47 -23.30
CA LEU A 149 6.41 -12.90 -23.68
C LEU A 149 5.86 -11.93 -22.62
N ARG A 150 6.01 -12.25 -21.35
CA ARG A 150 5.50 -11.36 -20.28
C ARG A 150 6.22 -10.00 -20.31
N LEU A 151 7.50 -9.99 -20.65
CA LEU A 151 8.28 -8.73 -20.68
C LEU A 151 7.89 -7.86 -21.86
N LEU A 152 7.66 -8.50 -23.00
CA LEU A 152 7.17 -7.81 -24.17
C LEU A 152 5.82 -7.16 -23.91
N VAL A 153 4.86 -7.92 -23.38
CA VAL A 153 3.54 -7.36 -23.05
C VAL A 153 3.67 -6.15 -22.11
N LEU A 154 4.41 -6.29 -21.02
CA LEU A 154 4.67 -5.18 -20.09
C LEU A 154 5.39 -3.98 -20.69
N LYS A 155 6.36 -4.24 -21.56
CA LYS A 155 7.05 -3.17 -22.25
CA LYS A 155 7.06 -3.18 -22.27
C LYS A 155 6.06 -2.31 -23.02
N TYR A 156 5.19 -2.97 -23.78
CA TYR A 156 4.29 -2.29 -24.73
C TYR A 156 2.99 -1.74 -24.13
N GLU A 157 2.53 -2.34 -23.03
CA GLU A 157 1.25 -1.98 -22.42
C GLU A 157 1.34 -1.54 -20.98
N GLY A 158 2.31 -2.05 -20.23
CA GLY A 158 2.31 -1.88 -18.77
C GLY A 158 1.27 -2.77 -18.09
N GLY A 159 0.86 -2.39 -16.89
CA GLY A 159 -0.13 -3.16 -16.18
C GLY A 159 0.51 -4.20 -15.29
N ILE A 160 -0.28 -5.18 -14.92
CA ILE A 160 0.19 -6.20 -14.00
C ILE A 160 0.27 -7.56 -14.69
N TYR A 161 1.43 -8.20 -14.60
CA TYR A 161 1.51 -9.59 -15.04
C TYR A 161 1.33 -10.52 -13.84
N LYS A 162 0.51 -11.55 -14.04
CA LYS A 162 0.23 -12.56 -13.02
C LYS A 162 0.33 -13.99 -13.60
N ASP A 163 0.92 -14.91 -12.84
CA ASP A 163 0.96 -16.34 -13.21
C ASP A 163 -0.42 -16.97 -13.19
N ILE A 164 -0.73 -17.73 -14.24
CA ILE A 164 -2.05 -18.37 -14.39
C ILE A 164 -2.44 -19.26 -13.21
N ASP A 165 -1.44 -19.82 -12.52
CA ASP A 165 -1.67 -20.79 -11.45
C ASP A 165 -1.53 -20.23 -10.03
N ASP A 166 -1.37 -18.91 -9.90
CA ASP A 166 -1.35 -18.27 -8.60
C ASP A 166 -2.74 -17.93 -8.09
N ILE A 167 -2.95 -18.18 -6.81
CA ILE A 167 -4.17 -17.80 -6.13
C ILE A 167 -4.15 -16.31 -5.87
N GLN A 168 -5.23 -15.63 -6.22
CA GLN A 168 -5.38 -14.22 -5.89
C GLN A 168 -5.86 -14.06 -4.44
N VAL A 169 -4.97 -13.65 -3.53
CA VAL A 169 -5.28 -13.48 -2.11
C VAL A 169 -6.31 -12.38 -1.91
N LYS A 170 -6.05 -11.22 -2.52
CA LYS A 170 -6.91 -10.06 -2.39
C LYS A 170 -6.71 -9.19 -3.63
N GLY A 171 -7.72 -8.37 -3.92
CA GLY A 171 -7.70 -7.46 -5.07
C GLY A 171 -6.50 -6.56 -5.04
N PHE A 172 -6.01 -6.15 -6.21
CA PHE A 172 -4.87 -5.24 -6.33
C PHE A 172 -5.17 -3.79 -5.91
N GLY A 173 -6.39 -3.32 -6.21
CA GLY A 173 -6.74 -1.91 -6.00
C GLY A 173 -6.04 -0.96 -6.93
N SER A 174 -6.10 0.33 -6.62
CA SER A 174 -5.33 1.38 -7.29
C SER A 174 -3.90 1.35 -6.81
N LEU A 175 -3.02 0.96 -7.72
CA LEU A 175 -1.61 0.85 -7.39
C LEU A 175 -0.84 2.03 -7.96
N THR A 176 0.10 2.54 -7.15
CA THR A 176 1.10 3.51 -7.58
C THR A 176 2.42 3.08 -6.95
N PHE A 177 3.52 3.20 -7.69
CA PHE A 177 4.84 2.74 -7.22
C PHE A 177 5.96 3.70 -7.60
N PRO A 178 6.94 3.88 -6.71
CA PRO A 178 8.08 4.68 -7.11
C PRO A 178 8.76 4.06 -8.32
N LYS A 179 9.19 4.91 -9.25
CA LYS A 179 9.83 4.48 -10.49
C LYS A 179 8.98 3.57 -11.38
N GLY A 180 7.67 3.61 -11.14
CA GLY A 180 6.68 2.85 -11.90
C GLY A 180 6.90 1.36 -11.91
N ILE A 181 7.44 0.81 -10.81
CA ILE A 181 7.73 -0.61 -10.71
C ILE A 181 7.32 -1.14 -9.32
N GLY A 182 6.48 -2.18 -9.33
CA GLY A 182 6.07 -2.88 -8.14
C GLY A 182 6.39 -4.36 -8.24
N VAL A 183 7.08 -4.87 -7.22
CA VAL A 183 7.51 -6.26 -7.19
C VAL A 183 7.13 -6.94 -5.87
N MSE A 184 7.26 -8.27 -5.84
CA MSE A 184 7.13 -9.02 -4.60
CA MSE A 184 7.12 -9.03 -4.59
C MSE A 184 8.50 -9.05 -3.98
O MSE A 184 9.48 -9.08 -4.70
CB MSE A 184 6.67 -10.43 -4.94
CB MSE A 184 6.57 -10.42 -4.90
CG MSE A 184 5.25 -10.65 -4.43
CG MSE A 184 6.92 -11.51 -3.87
SE MSE A 184 4.87 -12.58 -4.28
SE MSE A 184 5.82 -11.42 -2.23
CE MSE A 184 6.47 -13.21 -3.30
CE MSE A 184 5.71 -13.36 -1.88
N ARG A 185 8.57 -9.02 -2.65
CA ARG A 185 9.87 -9.12 -1.95
C ARG A 185 10.65 -10.37 -2.35
N GLU A 186 11.98 -10.31 -2.20
CA GLU A 186 12.88 -11.36 -2.64
C GLU A 186 12.60 -12.68 -1.93
N TYR A 187 13.04 -13.78 -2.55
CA TYR A 187 12.84 -15.13 -2.00
C TYR A 187 13.45 -15.30 -0.60
N THR A 195 19.85 -14.72 -3.83
CA THR A 195 18.91 -13.65 -3.53
C THR A 195 18.29 -13.11 -4.82
N ALA A 196 17.00 -13.35 -5.01
CA ALA A 196 16.30 -12.94 -6.25
C ALA A 196 14.87 -12.47 -6.00
N PHE A 197 14.40 -11.51 -6.80
CA PHE A 197 12.98 -11.14 -6.85
C PHE A 197 12.28 -12.10 -7.80
N PRO A 198 11.04 -12.54 -7.47
CA PRO A 198 10.37 -13.33 -8.50
C PRO A 198 10.02 -12.47 -9.74
N ASN A 199 9.90 -13.10 -10.91
CA ASN A 199 9.47 -12.39 -12.11
C ASN A 199 7.96 -12.53 -12.30
N THR A 200 7.24 -12.64 -11.17
CA THR A 200 5.77 -12.69 -11.11
C THR A 200 5.33 -12.59 -9.64
N PRO A 201 4.27 -11.81 -9.34
CA PRO A 201 3.61 -10.86 -10.23
C PRO A 201 4.54 -9.66 -10.45
N ILE A 202 4.30 -8.89 -11.51
CA ILE A 202 5.03 -7.65 -11.75
C ILE A 202 4.03 -6.56 -12.11
N ALA A 203 4.09 -5.42 -11.42
CA ALA A 203 3.30 -4.25 -11.78
C ALA A 203 4.24 -3.17 -12.29
N VAL A 204 3.93 -2.63 -13.47
CA VAL A 204 4.85 -1.71 -14.12
C VAL A 204 4.12 -0.69 -15.01
N THR A 205 4.70 0.50 -15.15
CA THR A 205 4.27 1.48 -16.16
C THR A 205 4.75 1.00 -17.54
N LYS A 206 4.09 1.45 -18.59
CA LYS A 206 4.50 1.07 -19.95
C LYS A 206 5.90 1.65 -20.36
N ASN A 207 6.61 0.95 -21.24
CA ASN A 207 7.96 1.35 -21.66
C ASN A 207 8.92 1.60 -20.50
N ASN A 208 8.83 0.77 -19.46
CA ASN A 208 9.65 0.97 -18.26
C ASN A 208 11.10 0.52 -18.46
N PRO A 209 12.07 1.34 -18.01
CA PRO A 209 13.50 1.01 -18.24
C PRO A 209 13.94 -0.32 -17.64
N ILE A 210 13.33 -0.73 -16.53
CA ILE A 210 13.60 -2.01 -15.90
C ILE A 210 13.21 -3.20 -16.81
N ILE A 211 12.06 -3.11 -17.47
CA ILE A 211 11.61 -4.14 -18.40
C ILE A 211 12.51 -4.17 -19.66
N ASN A 212 12.89 -2.98 -20.15
CA ASN A 212 13.72 -2.90 -21.35
C ASN A 212 15.09 -3.48 -21.08
N LYS A 213 15.63 -3.16 -19.91
CA LYS A 213 16.90 -3.74 -19.49
C LYS A 213 16.88 -5.28 -19.33
N THR A 214 15.81 -5.82 -18.72
CA THR A 214 15.64 -7.27 -18.59
C THR A 214 15.64 -7.91 -19.97
N LEU A 215 14.90 -7.33 -20.92
CA LEU A 215 14.88 -7.86 -22.28
C LEU A 215 16.26 -7.80 -22.95
N ASP A 216 17.03 -6.73 -22.67
CA ASP A 216 18.36 -6.53 -23.21
C ASP A 216 19.33 -7.61 -22.72
N LEU A 217 19.34 -7.81 -21.39
CA LEU A 217 20.10 -8.92 -20.81
C LEU A 217 19.67 -10.26 -21.40
N ALA A 218 18.35 -10.48 -21.54
CA ALA A 218 17.83 -11.72 -22.13
C ALA A 218 18.37 -11.99 -23.55
N VAL A 219 18.44 -10.94 -24.38
CA VAL A 219 18.99 -11.07 -25.75
C VAL A 219 20.44 -11.55 -25.66
N SER A 220 21.19 -10.91 -24.78
CA SER A 220 22.56 -11.31 -24.51
C SER A 220 22.67 -12.78 -24.08
N ASN A 221 21.79 -13.22 -23.17
CA ASN A 221 21.83 -14.60 -22.63
C ASN A 221 21.49 -15.65 -23.69
N TYR A 222 20.48 -15.38 -24.53
CA TYR A 222 20.17 -16.24 -25.66
C TYR A 222 21.28 -16.23 -26.73
N GLN A 223 21.84 -15.06 -27.05
CA GLN A 223 22.93 -14.97 -27.99
C GLN A 223 24.13 -15.85 -27.56
N ARG A 224 24.48 -15.80 -26.28
CA ARG A 224 25.69 -16.56 -25.87
C ARG A 224 25.38 -18.06 -25.59
N GLY A 225 24.10 -18.43 -25.65
CA GLY A 225 23.68 -19.83 -25.55
C GLY A 225 23.64 -20.34 -24.13
N GLU A 226 23.27 -19.47 -23.20
CA GLU A 226 22.98 -19.89 -21.83
C GLU A 226 22.05 -21.13 -21.84
N LYS A 227 22.45 -22.18 -21.14
CA LYS A 227 21.67 -23.44 -21.10
C LYS A 227 20.74 -23.58 -19.89
N ASN A 228 21.02 -22.87 -18.79
CA ASN A 228 20.14 -22.86 -17.63
C ASN A 228 18.97 -21.94 -17.95
N VAL A 229 17.77 -22.53 -18.10
CA VAL A 229 16.58 -21.77 -18.56
C VAL A 229 16.26 -20.59 -17.67
N LEU A 230 16.52 -20.74 -16.37
CA LEU A 230 16.27 -19.64 -15.43
C LEU A 230 17.23 -18.46 -15.60
N LYS A 231 18.43 -18.71 -16.12
CA LYS A 231 19.38 -17.63 -16.40
C LYS A 231 19.26 -17.02 -17.80
N LEU A 232 18.22 -17.39 -18.53
CA LEU A 232 17.94 -16.75 -19.83
C LEU A 232 17.15 -15.46 -19.68
N ALA A 233 15.92 -15.59 -19.15
CA ALA A 233 15.04 -14.45 -18.92
C ALA A 233 14.26 -14.63 -17.61
N GLY A 234 14.82 -15.39 -16.68
CA GLY A 234 14.16 -15.73 -15.41
C GLY A 234 14.35 -14.73 -14.27
N PRO A 235 13.98 -15.12 -13.04
CA PRO A 235 14.05 -14.21 -11.88
C PRO A 235 15.47 -13.66 -11.65
N ASP A 236 16.49 -14.44 -11.98
CA ASP A 236 17.86 -13.98 -11.75
CA ASP A 236 17.88 -13.98 -11.80
C ASP A 236 18.23 -12.83 -12.70
N VAL A 237 17.69 -12.85 -13.94
CA VAL A 237 17.90 -11.79 -14.94
C VAL A 237 17.09 -10.52 -14.62
N PHE A 238 15.80 -10.70 -14.33
CA PHE A 238 14.94 -9.66 -13.76
C PHE A 238 15.63 -9.00 -12.54
N THR A 239 16.19 -9.82 -11.64
CA THR A 239 16.93 -9.27 -10.49
C THR A 239 18.11 -8.38 -10.90
N GLN A 240 18.93 -8.85 -11.87
CA GLN A 240 20.08 -8.07 -12.33
CA GLN A 240 20.09 -8.08 -12.36
C GLN A 240 19.64 -6.72 -12.91
N ALA A 241 18.55 -6.73 -13.68
CA ALA A 241 18.00 -5.52 -14.26
C ALA A 241 17.57 -4.49 -13.18
N LEU A 242 16.90 -5.00 -12.13
CA LEU A 242 16.43 -4.20 -10.99
C LEU A 242 17.57 -3.52 -10.29
N TYR A 243 18.63 -4.31 -10.04
CA TYR A 243 19.86 -3.82 -9.39
C TYR A 243 20.67 -2.81 -10.19
N GLN A 244 20.71 -2.98 -11.51
CA GLN A 244 21.39 -2.01 -12.37
C GLN A 244 20.63 -0.69 -12.45
N GLU A 245 19.31 -0.77 -12.60
CA GLU A 245 18.48 0.42 -12.71
C GLU A 245 18.17 1.10 -11.36
N ILE A 246 18.09 0.31 -10.29
CA ILE A 246 17.78 0.82 -8.94
C ILE A 246 18.75 0.14 -7.95
N PRO A 247 20.02 0.57 -7.91
CA PRO A 247 21.06 -0.11 -7.12
C PRO A 247 20.71 -0.35 -5.64
N GLY A 248 19.99 0.59 -5.03
CA GLY A 248 19.57 0.50 -3.63
C GLY A 248 18.61 -0.62 -3.26
N LEU A 249 18.08 -1.35 -4.26
CA LEU A 249 17.32 -2.60 -4.02
C LEU A 249 18.23 -3.71 -3.48
N ASP A 250 19.51 -3.60 -3.80
CA ASP A 250 20.51 -4.53 -3.31
C ASP A 250 20.92 -4.09 -1.90
N SER A 251 20.63 -4.93 -0.91
CA SER A 251 20.95 -4.66 0.49
C SER A 251 22.40 -4.24 0.77
N LYS A 252 23.34 -4.76 -0.01
CA LYS A 252 24.75 -4.43 0.16
C LYS A 252 25.02 -2.98 -0.29
N VAL A 253 24.37 -2.56 -1.37
CA VAL A 253 24.53 -1.20 -1.87
C VAL A 253 23.85 -0.22 -0.91
N LEU A 254 22.64 -0.57 -0.48
CA LEU A 254 21.90 0.25 0.47
C LEU A 254 22.63 0.36 1.82
N ASN A 255 23.27 -0.73 2.25
CA ASN A 255 24.08 -0.72 3.49
C ASN A 255 25.29 0.20 3.42
N ALA A 256 26.01 0.15 2.29
CA ALA A 256 27.11 1.07 2.07
C ALA A 256 26.64 2.53 2.04
N GLN A 257 25.46 2.77 1.48
CA GLN A 257 24.86 4.11 1.48
C GLN A 257 24.56 4.60 2.90
N LEU A 258 24.06 3.72 3.76
CA LEU A 258 23.70 4.10 5.13
C LEU A 258 24.94 4.40 5.96
N TYR A 259 26.01 3.65 5.71
CA TYR A 259 27.27 3.88 6.41
C TYR A 259 27.91 5.22 6.00
N GLN A 260 27.86 5.52 4.70
CA GLN A 260 28.23 6.82 4.15
C GLN A 260 27.48 7.99 4.77
N LEU A 261 26.17 7.83 4.98
CA LEU A 261 25.33 8.84 5.62
C LEU A 261 25.66 9.01 7.11
N GLU A 262 25.85 7.89 7.80
CA GLU A 262 26.27 7.88 9.18
C GLU A 262 27.57 8.72 9.30
N LEU A 263 28.54 8.43 8.44
CA LEU A 263 29.78 9.21 8.43
C LEU A 263 29.57 10.69 8.07
N ALA A 264 28.68 10.96 7.11
CA ALA A 264 28.37 12.34 6.74
C ALA A 264 27.68 13.11 7.87
N LYS A 265 26.85 12.44 8.66
CA LYS A 265 26.17 13.11 9.76
C LYS A 265 27.13 13.52 10.89
N ARG A 266 28.11 12.68 11.19
CA ARG A 266 29.04 13.04 12.24
C ARG A 266 30.01 14.13 11.78
N GLN A 267 30.39 14.08 10.50
CA GLN A 267 31.14 15.16 9.85
C GLN A 267 30.40 16.50 9.98
N ALA A 268 29.07 16.46 9.82
CA ALA A 268 28.22 17.65 9.96
C ALA A 268 28.20 18.16 11.42
N LEU A 269 28.16 17.21 12.36
CA LEU A 269 28.14 17.55 13.78
C LEU A 269 29.54 17.75 14.35
N GLY A 270 30.56 17.46 13.53
CA GLY A 270 31.97 17.55 13.95
C GLY A 270 32.30 16.61 15.09
N VAL A 271 31.78 15.38 15.00
CA VAL A 271 32.02 14.36 16.02
C VAL A 271 33.00 13.32 15.44
N PRO A 272 33.81 12.64 16.29
CA PRO A 272 34.89 11.76 15.78
C PRO A 272 34.46 10.76 14.70
N LEU A 273 35.31 10.59 13.70
CA LEU A 273 35.03 9.73 12.55
C LEU A 273 35.69 8.37 12.70
N GLU A 282 26.22 5.74 17.56
CA GLU A 282 25.58 5.73 16.25
C GLU A 282 24.60 6.92 16.08
N GLN A 283 24.82 7.73 15.05
CA GLN A 283 24.13 9.01 14.91
C GLN A 283 22.83 8.97 14.10
N LEU A 284 22.76 8.10 13.09
CA LEU A 284 21.51 7.91 12.32
C LEU A 284 20.41 7.41 13.23
N THR A 285 19.28 8.11 13.26
CA THR A 285 18.15 7.63 14.04
C THR A 285 17.31 6.64 13.20
N SER A 286 16.43 5.90 13.88
CA SER A 286 15.50 5.02 13.21
C SER A 286 14.53 5.79 12.30
N ALA A 287 14.17 7.02 12.69
CA ALA A 287 13.37 7.90 11.82
C ALA A 287 14.05 8.18 10.48
N GLU A 288 15.35 8.54 10.54
CA GLU A 288 16.13 8.85 9.35
C GLU A 288 16.27 7.65 8.44
N LYS A 289 16.47 6.47 9.04
CA LYS A 289 16.61 5.24 8.27
C LYS A 289 15.28 4.79 7.65
N GLU A 290 14.17 5.01 8.35
CA GLU A 290 12.85 4.75 7.75
C GLU A 290 12.67 5.55 6.45
N LYS A 291 13.09 6.82 6.49
CA LYS A 291 12.97 7.70 5.33
C LYS A 291 13.87 7.27 4.18
N ILE A 292 15.13 6.97 4.46
CA ILE A 292 16.06 6.45 3.45
C ILE A 292 15.55 5.15 2.78
N ASN A 293 14.99 4.24 3.59
CA ASN A 293 14.46 2.96 3.13
C ASN A 293 13.12 3.05 2.40
N ARG A 294 12.38 4.15 2.59
CA ARG A 294 10.96 4.18 2.19
C ARG A 294 10.67 3.85 0.70
N PRO A 295 11.42 4.45 -0.25
CA PRO A 295 11.12 4.15 -1.66
C PRO A 295 11.37 2.69 -2.02
N TYR A 296 12.43 2.12 -1.47
CA TYR A 296 12.81 0.76 -1.74
C TYR A 296 11.87 -0.25 -1.12
N GLN A 297 11.32 0.09 0.05
CA GLN A 297 10.29 -0.72 0.67
C GLN A 297 8.97 -0.60 -0.09
N SER A 298 8.74 0.57 -0.68
CA SER A 298 7.51 0.85 -1.43
CA SER A 298 7.51 0.86 -1.42
C SER A 298 7.48 0.09 -2.75
N ILE A 299 8.64 -0.07 -3.36
CA ILE A 299 8.83 -0.84 -4.61
C ILE A 299 8.45 -2.29 -4.34
N ARG A 300 8.80 -2.80 -3.16
CA ARG A 300 8.43 -4.15 -2.72
C ARG A 300 6.96 -4.29 -2.30
N GLY A 301 6.12 -3.32 -2.66
CA GLY A 301 4.74 -3.27 -2.21
C GLY A 301 3.76 -4.14 -2.97
N LEU A 302 4.23 -4.96 -3.90
CA LEU A 302 3.33 -5.90 -4.57
C LEU A 302 3.27 -7.22 -3.79
N SER A 303 3.86 -7.24 -2.59
CA SER A 303 3.81 -8.42 -1.74
C SER A 303 2.44 -8.64 -1.10
N GLY A 304 2.00 -9.90 -1.07
CA GLY A 304 0.80 -10.30 -0.33
C GLY A 304 -0.50 -10.35 -1.11
N TYR A 305 -0.46 -10.15 -2.43
CA TYR A 305 -1.70 -10.14 -3.24
C TYR A 305 -1.95 -11.47 -3.93
N VAL A 306 -0.88 -12.22 -4.19
CA VAL A 306 -1.04 -13.52 -4.85
C VAL A 306 -0.21 -14.58 -4.12
N GLU A 307 -0.70 -15.82 -4.08
CA GLU A 307 -0.02 -16.91 -3.37
C GLU A 307 0.04 -18.21 -4.19
N ASN A 308 0.51 -19.29 -3.56
CA ASN A 308 0.68 -20.62 -4.17
C ASN A 308 1.13 -20.62 -5.63
N ASP B 19 29.98 -27.98 26.48
CA ASP B 19 29.85 -27.20 25.21
C ASP B 19 28.83 -27.83 24.26
N ILE B 20 28.55 -29.12 24.46
CA ILE B 20 27.49 -29.82 23.72
C ILE B 20 26.12 -29.25 24.11
N ARG B 21 25.84 -29.24 25.41
CA ARG B 21 24.59 -28.71 25.94
C ARG B 21 24.45 -27.19 25.74
N LYS B 22 25.57 -26.47 25.83
CA LYS B 22 25.60 -25.01 25.62
C LYS B 22 25.28 -24.65 24.17
N TYR B 23 25.86 -25.40 23.23
CA TYR B 23 25.64 -25.21 21.80
C TYR B 23 24.19 -25.50 21.41
N ILE B 24 23.65 -26.60 21.93
CA ILE B 24 22.28 -26.98 21.63
C ILE B 24 21.30 -25.98 22.22
N ALA B 25 21.63 -25.44 23.40
CA ALA B 25 20.77 -24.44 24.05
C ALA B 25 20.71 -23.12 23.26
N ARG B 26 21.85 -22.72 22.68
CA ARG B 26 21.93 -21.48 21.89
C ARG B 26 21.19 -21.58 20.58
N LYS B 27 21.35 -22.71 19.91
CA LYS B 27 20.75 -22.97 18.60
C LYS B 27 19.23 -23.05 18.72
N SER B 28 18.79 -23.77 19.75
CA SER B 28 17.36 -23.89 20.06
CA SER B 28 17.36 -23.90 20.06
C SER B 28 16.76 -22.53 20.41
N ALA B 29 17.51 -21.76 21.22
CA ALA B 29 17.07 -20.43 21.65
C ALA B 29 16.97 -19.44 20.48
N ILE B 30 17.96 -19.48 19.59
CA ILE B 30 17.91 -18.61 18.39
C ILE B 30 16.83 -19.03 17.37
N LYS B 31 16.56 -20.34 17.24
CA LYS B 31 15.47 -20.79 16.36
C LYS B 31 14.13 -20.21 16.83
N ILE B 32 13.88 -20.28 18.14
CA ILE B 32 12.68 -19.71 18.75
C ILE B 32 12.62 -18.20 18.50
N PHE B 33 13.76 -17.52 18.70
CA PHE B 33 13.89 -16.10 18.46
C PHE B 33 13.54 -15.69 17.01
N ASN B 34 14.12 -16.37 16.02
CA ASN B 34 13.88 -16.06 14.61
C ASN B 34 12.44 -16.27 14.20
N GLN B 35 11.85 -17.34 14.73
CA GLN B 35 10.44 -17.69 14.53
CA GLN B 35 10.44 -17.66 14.48
C GLN B 35 9.52 -16.58 15.05
N SER B 36 9.90 -16.03 16.19
CA SER B 36 9.13 -14.94 16.81
C SER B 36 9.22 -13.66 15.95
N ILE B 37 10.43 -13.30 15.52
CA ILE B 37 10.63 -12.18 14.60
C ILE B 37 9.88 -12.37 13.26
N ASN B 38 9.94 -13.56 12.68
CA ASN B 38 9.26 -13.85 11.41
C ASN B 38 7.73 -13.70 11.54
N TYR B 39 7.20 -14.16 12.66
CA TYR B 39 5.77 -14.04 12.96
C TYR B 39 5.33 -12.59 13.20
N SER B 40 6.22 -11.78 13.78
CA SER B 40 5.89 -10.39 14.12
CA SER B 40 5.92 -10.38 14.12
C SER B 40 5.65 -9.52 12.89
N ALA B 41 6.23 -9.92 11.77
CA ALA B 41 6.08 -9.22 10.50
C ALA B 41 4.61 -9.16 10.04
N THR B 42 3.87 -10.22 10.29
CA THR B 42 2.49 -10.32 9.83
C THR B 42 1.55 -10.75 10.98
N LYS B 43 1.86 -10.33 12.22
CA LYS B 43 1.09 -10.78 13.40
C LYS B 43 -0.40 -10.45 13.36
N TRP B 44 -0.74 -9.30 12.78
CA TRP B 44 -2.14 -8.88 12.63
C TRP B 44 -2.57 -8.90 11.15
N PRO B 45 -3.27 -9.97 10.73
CA PRO B 45 -3.69 -10.11 9.34
C PRO B 45 -4.49 -8.90 8.90
N PRO B 46 -4.13 -8.31 7.74
CA PRO B 46 -4.76 -7.08 7.29
C PRO B 46 -6.23 -7.30 6.99
N GLU B 47 -7.06 -6.30 7.31
CA GLU B 47 -8.52 -6.43 7.18
C GLU B 47 -9.07 -5.41 6.21
N PRO B 48 -10.01 -5.82 5.34
CA PRO B 48 -10.53 -4.89 4.33
C PRO B 48 -11.35 -3.76 4.92
N ILE B 49 -11.30 -2.61 4.26
CA ILE B 49 -12.09 -1.45 4.66
C ILE B 49 -13.30 -1.41 3.73
N ASP B 50 -14.49 -1.26 4.29
CA ASP B 50 -15.73 -1.11 3.49
C ASP B 50 -15.60 0.07 2.55
N LYS B 51 -16.08 -0.09 1.32
CA LYS B 51 -15.90 0.94 0.31
C LYS B 51 -16.95 2.08 0.37
N ASN B 52 -16.98 2.76 1.51
CA ASN B 52 -17.74 3.99 1.67
C ASN B 52 -16.83 5.14 2.10
N ILE B 53 -16.93 6.27 1.43
CA ILE B 53 -16.27 7.50 1.89
C ILE B 53 -17.31 8.39 2.56
N HIS B 54 -17.05 8.76 3.80
CA HIS B 54 -17.97 9.62 4.57
C HIS B 54 -17.39 11.02 4.68
N MSE B 55 -18.17 12.03 4.32
CA MSE B 55 -17.82 13.41 4.54
C MSE B 55 -18.95 14.07 5.31
O MSE B 55 -20.10 13.64 5.28
CB MSE B 55 -17.45 14.08 3.22
CG MSE B 55 -16.22 13.39 2.64
SE MSE B 55 -15.54 14.36 1.10
CE MSE B 55 -16.97 13.93 -0.18
N ILE B 56 -18.63 15.12 6.02
CA ILE B 56 -19.62 15.80 6.87
C ILE B 56 -19.74 17.26 6.48
N TRP B 57 -20.97 17.68 6.18
CA TRP B 57 -21.27 19.09 6.13
C TRP B 57 -22.60 19.32 6.83
N ILE B 58 -22.49 19.64 8.12
CA ILE B 58 -23.64 19.89 8.96
C ILE B 58 -23.74 21.39 9.23
N GLY B 59 -24.89 21.84 9.71
CA GLY B 59 -24.96 23.24 10.13
C GLY B 59 -25.90 24.04 9.27
N THR B 60 -25.63 25.33 9.11
CA THR B 60 -26.58 26.21 8.45
C THR B 60 -25.98 27.02 7.31
N LYS B 61 -24.67 26.97 7.14
CA LYS B 61 -24.08 27.73 6.06
CA LYS B 61 -23.99 27.72 6.09
C LYS B 61 -23.90 26.83 4.84
N ASN B 62 -24.04 27.42 3.65
CA ASN B 62 -23.88 26.68 2.41
C ASN B 62 -22.48 26.15 2.26
N ILE B 63 -22.35 24.96 1.71
CA ILE B 63 -21.05 24.43 1.29
C ILE B 63 -20.42 25.40 0.29
N SER B 64 -19.11 25.66 0.41
CA SER B 64 -18.42 26.58 -0.49
C SER B 64 -18.27 25.96 -1.88
N GLU B 65 -18.04 26.79 -2.89
CA GLU B 65 -17.86 26.32 -4.27
C GLU B 65 -16.59 25.47 -4.37
N LYS B 66 -15.54 25.90 -3.67
CA LYS B 66 -14.28 25.16 -3.59
C LYS B 66 -14.48 23.73 -3.07
N ASN B 67 -15.29 23.58 -2.02
CA ASN B 67 -15.54 22.24 -1.46
C ASN B 67 -16.54 21.43 -2.27
N ILE B 68 -17.37 22.09 -3.08
CA ILE B 68 -18.22 21.32 -4.01
C ILE B 68 -17.34 20.64 -5.06
N LYS B 69 -16.44 21.40 -5.67
CA LYS B 69 -15.47 20.85 -6.63
C LYS B 69 -14.62 19.72 -6.04
N LEU B 70 -13.98 19.97 -4.90
CA LEU B 70 -13.18 18.94 -4.21
C LEU B 70 -13.94 17.64 -3.91
N SER B 71 -15.20 17.77 -3.48
CA SER B 71 -16.07 16.61 -3.22
C SER B 71 -16.43 15.87 -4.51
N ILE B 72 -16.76 16.60 -5.57
CA ILE B 72 -17.01 15.95 -6.84
C ILE B 72 -15.72 15.23 -7.32
N ASP B 73 -14.57 15.87 -7.15
CA ASP B 73 -13.25 15.30 -7.50
C ASP B 73 -12.92 14.02 -6.68
N THR B 74 -13.26 14.05 -5.40
CA THR B 74 -13.19 12.88 -4.52
C THR B 74 -13.97 11.71 -5.07
N ALA B 75 -15.21 11.96 -5.51
CA ALA B 75 -16.01 10.89 -6.09
C ALA B 75 -15.41 10.38 -7.43
N LYS B 76 -15.03 11.30 -8.31
CA LYS B 76 -14.52 10.89 -9.64
C LYS B 76 -13.19 10.10 -9.56
N LYS B 77 -12.33 10.48 -8.62
CA LYS B 77 -11.13 9.69 -8.32
C LYS B 77 -11.40 8.38 -7.58
N ASN B 78 -12.62 8.17 -7.08
CA ASN B 78 -12.97 6.92 -6.38
C ASN B 78 -14.23 6.30 -6.93
N PRO B 79 -14.22 5.85 -8.21
CA PRO B 79 -15.45 5.30 -8.79
C PRO B 79 -15.97 4.02 -8.12
N ASP B 80 -15.12 3.29 -7.41
CA ASP B 80 -15.54 2.03 -6.77
C ASP B 80 -16.10 2.25 -5.35
N TYR B 81 -16.23 3.50 -4.94
CA TYR B 81 -16.72 3.85 -3.60
C TYR B 81 -18.07 4.54 -3.63
N ASN B 82 -18.93 4.25 -2.65
CA ASN B 82 -20.07 5.11 -2.35
CA ASN B 82 -20.06 5.11 -2.35
C ASN B 82 -19.56 6.35 -1.57
N THR B 83 -19.57 7.51 -2.23
CA THR B 83 -19.13 8.77 -1.60
C THR B 83 -20.36 9.56 -1.14
N SER B 84 -20.38 9.96 0.14
CA SER B 84 -21.54 10.70 0.71
C SER B 84 -21.14 11.84 1.61
N ILE B 85 -21.95 12.89 1.61
CA ILE B 85 -21.81 14.00 2.52
C ILE B 85 -22.99 13.93 3.49
N ILE B 86 -22.68 13.96 4.77
CA ILE B 86 -23.70 13.80 5.81
C ILE B 86 -24.06 15.17 6.38
N TYR B 87 -25.34 15.51 6.33
CA TYR B 87 -25.86 16.66 7.04
C TYR B 87 -26.77 16.15 8.19
N ASP B 88 -27.30 17.07 8.97
CA ASP B 88 -28.10 16.69 10.12
C ASP B 88 -29.35 17.53 10.18
N SER B 89 -30.50 16.90 9.96
CA SER B 89 -31.78 17.61 9.94
C SER B 89 -32.27 18.03 11.33
N GLY B 90 -31.64 17.48 12.36
CA GLY B 90 -31.86 17.90 13.72
C GLY B 90 -31.29 19.25 14.09
N ILE B 91 -30.61 19.93 13.16
CA ILE B 91 -30.12 21.30 13.38
C ILE B 91 -31.11 22.37 12.87
N SER B 92 -31.51 23.26 13.78
CA SER B 92 -32.47 24.34 13.42
C SER B 92 -31.94 25.23 12.33
N GLY B 93 -32.74 25.50 11.31
CA GLY B 93 -32.28 26.33 10.21
C GLY B 93 -31.37 25.66 9.17
N HIS B 94 -31.22 24.34 9.25
CA HIS B 94 -30.36 23.60 8.26
C HIS B 94 -30.92 23.55 6.81
N GLU B 95 -32.20 23.88 6.63
CA GLU B 95 -32.92 23.57 5.38
C GLU B 95 -32.38 24.21 4.12
N GLY B 96 -32.06 25.49 4.20
CA GLY B 96 -31.43 26.21 3.11
C GLY B 96 -30.17 25.53 2.61
N ALA B 97 -29.21 25.30 3.52
CA ALA B 97 -27.93 24.68 3.19
C ALA B 97 -28.06 23.30 2.53
N LYS B 98 -29.02 22.52 3.01
CA LYS B 98 -29.32 21.19 2.47
C LYS B 98 -29.83 21.33 1.03
N LYS B 99 -30.81 22.23 0.86
CA LYS B 99 -31.45 22.48 -0.44
C LYS B 99 -30.41 22.90 -1.48
N PHE B 100 -29.55 23.83 -1.08
CA PHE B 100 -28.46 24.32 -1.91
C PHE B 100 -27.51 23.19 -2.32
N MSE B 101 -27.15 22.33 -1.36
CA MSE B 101 -26.28 21.16 -1.61
C MSE B 101 -26.88 20.17 -2.59
O MSE B 101 -26.19 19.69 -3.49
CB MSE B 101 -26.05 20.39 -0.32
CG MSE B 101 -24.74 20.89 0.25
SE MSE B 101 -24.00 19.61 1.55
CE MSE B 101 -25.45 19.57 2.89
N LEU B 102 -28.15 19.84 -2.36
CA LEU B 102 -28.85 18.84 -3.18
C LEU B 102 -28.96 19.29 -4.64
N GLU B 103 -29.17 20.59 -4.83
CA GLU B 103 -29.13 21.20 -6.15
C GLU B 103 -27.74 21.06 -6.76
N LYS B 104 -26.71 21.50 -6.04
CA LYS B 104 -25.34 21.60 -6.58
C LYS B 104 -24.70 20.24 -6.88
N PHE B 105 -25.20 19.17 -6.26
CA PHE B 105 -24.64 17.83 -6.45
C PHE B 105 -25.54 16.88 -7.27
N GLN B 106 -26.67 17.39 -7.76
CA GLN B 106 -27.71 16.52 -8.35
C GLN B 106 -27.26 15.65 -9.53
N ASP B 107 -26.32 16.15 -10.34
CA ASP B 107 -25.85 15.37 -11.50
C ASP B 107 -24.56 14.58 -11.21
N SER B 108 -24.03 14.74 -10.00
CA SER B 108 -22.80 14.05 -9.59
C SER B 108 -23.10 12.71 -8.94
N ASN B 109 -22.04 11.98 -8.60
CA ASN B 109 -22.14 10.74 -7.85
C ASN B 109 -21.94 10.91 -6.32
N VAL B 110 -21.98 12.14 -5.84
CA VAL B 110 -21.96 12.39 -4.38
C VAL B 110 -23.38 12.29 -3.83
N ASN B 111 -23.59 11.36 -2.89
CA ASN B 111 -24.87 11.26 -2.17
C ASN B 111 -24.93 12.25 -0.99
N ILE B 112 -26.08 12.85 -0.81
CA ILE B 112 -26.28 13.85 0.26
C ILE B 112 -27.27 13.22 1.19
N ILE B 113 -26.84 12.87 2.40
CA ILE B 113 -27.67 12.05 3.26
C ILE B 113 -27.83 12.59 4.68
N ASP B 114 -29.00 12.39 5.24
CA ASP B 114 -29.36 12.90 6.58
C ASP B 114 -28.87 11.92 7.64
N PHE B 115 -28.05 12.38 8.57
CA PHE B 115 -27.65 11.51 9.69
C PHE B 115 -28.87 10.92 10.43
N ARG B 116 -29.92 11.71 10.59
CA ARG B 116 -31.10 11.29 11.32
C ARG B 116 -31.82 10.11 10.62
N LYS B 117 -31.40 9.80 9.41
CA LYS B 117 -32.06 8.74 8.62
C LYS B 117 -31.19 7.49 8.51
N LYS B 118 -30.05 7.49 9.17
CA LYS B 118 -29.20 6.29 9.16
C LYS B 118 -29.94 5.09 9.76
N SER B 119 -29.66 3.90 9.23
CA SER B 119 -30.30 2.64 9.67
CA SER B 119 -30.31 2.66 9.67
C SER B 119 -30.04 2.35 11.13
N TYR B 120 -28.92 2.85 11.64
CA TYR B 120 -28.53 2.63 13.03
C TYR B 120 -28.87 3.79 13.99
N PHE B 121 -29.60 4.79 13.53
CA PHE B 121 -29.82 5.99 14.34
C PHE B 121 -30.48 5.70 15.68
N SER B 122 -31.47 4.81 15.72
CA SER B 122 -32.19 4.53 16.96
C SER B 122 -31.30 3.94 18.08
N GLN B 123 -30.20 3.31 17.68
CA GLN B 123 -29.20 2.80 18.63
C GLN B 123 -28.42 3.92 19.34
N LEU B 124 -28.42 5.13 18.77
CA LEU B 124 -27.65 6.23 19.37
C LEU B 124 -28.27 6.74 20.68
N LYS B 125 -29.53 6.41 20.92
CA LYS B 125 -30.13 6.76 22.20
C LYS B 125 -29.33 6.15 23.39
N GLN B 126 -28.55 5.09 23.15
CA GLN B 126 -27.70 4.47 24.17
C GLN B 126 -26.27 5.05 24.28
N GLU B 127 -25.94 6.03 23.45
CA GLU B 127 -24.57 6.62 23.41
C GLU B 127 -24.43 7.93 24.17
N PRO B 128 -23.69 7.90 25.31
CA PRO B 128 -23.42 9.15 25.97
C PRO B 128 -22.71 10.17 25.09
N SER B 129 -21.87 9.74 24.14
CA SER B 129 -21.18 10.68 23.25
C SER B 129 -22.16 11.42 22.38
N PHE B 130 -23.29 10.78 22.07
CA PHE B 130 -24.30 11.43 21.21
C PHE B 130 -25.08 12.49 21.98
N ALA B 131 -25.31 12.28 23.28
CA ALA B 131 -25.82 13.37 24.15
C ALA B 131 -24.87 14.61 24.11
N TYR B 132 -23.56 14.37 24.17
CA TYR B 132 -22.65 15.50 24.03
C TYR B 132 -22.68 16.15 22.64
N TYR B 133 -22.72 15.34 21.58
CA TYR B 133 -22.95 15.86 20.24
C TYR B 133 -24.21 16.79 20.15
N GLU B 134 -25.32 16.35 20.72
CA GLU B 134 -26.57 17.17 20.78
C GLU B 134 -26.40 18.52 21.50
N GLN B 135 -25.58 18.53 22.55
CA GLN B 135 -25.23 19.77 23.28
C GLN B 135 -24.38 20.72 22.42
N VAL B 136 -23.41 20.15 21.70
CA VAL B 136 -22.48 20.93 20.92
C VAL B 136 -23.15 21.54 19.71
N ILE B 137 -24.04 20.79 19.04
CA ILE B 137 -24.76 21.41 17.94
C ILE B 137 -25.79 22.44 18.42
N ALA B 138 -26.31 22.28 19.64
CA ALA B 138 -27.23 23.29 20.20
C ALA B 138 -26.50 24.60 20.49
N GLU B 139 -25.17 24.52 20.64
CA GLU B 139 -24.30 25.68 20.73
CA GLU B 139 -24.32 25.71 20.73
C GLU B 139 -23.85 26.20 19.35
N ASN B 140 -24.32 25.56 18.26
CA ASN B 140 -23.92 25.89 16.88
C ASN B 140 -22.41 25.77 16.71
N LYS B 141 -21.80 24.82 17.42
CA LYS B 141 -20.37 24.56 17.24
C LYS B 141 -20.14 23.39 16.29
N TYR B 142 -20.32 23.63 14.98
CA TYR B 142 -20.36 22.52 14.02
C TYR B 142 -19.04 21.81 13.81
N ALA B 143 -17.95 22.55 13.75
CA ALA B 143 -16.61 21.95 13.57
C ALA B 143 -16.25 21.00 14.74
N GLN B 144 -16.44 21.47 15.96
CA GLN B 144 -16.32 20.67 17.18
C GLN B 144 -17.21 19.40 17.20
N ALA B 145 -18.47 19.56 16.83
CA ALA B 145 -19.39 18.43 16.82
C ALA B 145 -18.95 17.33 15.85
N SER B 146 -18.38 17.75 14.72
CA SER B 146 -17.92 16.79 13.67
C SER B 146 -16.80 15.86 14.16
N ASP B 147 -16.07 16.27 15.21
CA ASP B 147 -15.08 15.39 15.83
C ASP B 147 -15.76 14.17 16.50
N ILE B 148 -16.94 14.39 17.09
CA ILE B 148 -17.74 13.29 17.65
C ILE B 148 -18.48 12.55 16.53
N LEU B 149 -19.11 13.31 15.64
CA LEU B 149 -19.99 12.69 14.64
C LEU B 149 -19.18 11.74 13.72
N ARG B 150 -17.95 12.11 13.38
CA ARG B 150 -17.12 11.24 12.51
C ARG B 150 -16.83 9.88 13.17
N LEU B 151 -16.62 9.88 14.47
CA LEU B 151 -16.40 8.66 15.26
C LEU B 151 -17.66 7.80 15.38
N LEU B 152 -18.82 8.42 15.54
CA LEU B 152 -20.06 7.64 15.56
C LEU B 152 -20.31 6.99 14.20
N VAL B 153 -20.16 7.77 13.11
CA VAL B 153 -20.32 7.18 11.77
C VAL B 153 -19.36 5.99 11.57
N LEU B 154 -18.06 6.18 11.87
CA LEU B 154 -17.11 5.08 11.76
C LEU B 154 -17.37 3.86 12.66
N LYS B 155 -17.83 4.10 13.90
CA LYS B 155 -18.19 2.99 14.79
C LYS B 155 -19.27 2.11 14.18
N TYR B 156 -20.31 2.75 13.64
CA TYR B 156 -21.49 2.02 13.19
C TYR B 156 -21.35 1.46 11.76
N GLU B 157 -20.50 2.09 10.96
CA GLU B 157 -20.39 1.82 9.52
C GLU B 157 -19.03 1.39 8.99
N GLY B 158 -17.95 1.73 9.68
CA GLY B 158 -16.61 1.55 9.13
C GLY B 158 -16.47 2.47 7.92
N GLY B 159 -15.50 2.17 7.06
CA GLY B 159 -15.30 2.99 5.88
C GLY B 159 -14.21 4.02 6.05
N ILE B 160 -14.21 5.04 5.20
CA ILE B 160 -13.20 6.09 5.26
C ILE B 160 -13.82 7.45 5.57
N TYR B 161 -13.31 8.09 6.61
CA TYR B 161 -13.68 9.48 6.84
C TYR B 161 -12.63 10.39 6.22
N LYS B 162 -13.12 11.39 5.48
CA LYS B 162 -12.31 12.43 4.83
C LYS B 162 -12.93 13.82 5.11
N ASP B 163 -12.08 14.82 5.38
CA ASP B 163 -12.51 16.23 5.53
C ASP B 163 -13.06 16.77 4.22
N ILE B 164 -14.07 17.63 4.32
CA ILE B 164 -14.74 18.21 3.16
C ILE B 164 -13.82 19.15 2.33
N ASP B 165 -12.82 19.74 2.98
CA ASP B 165 -11.97 20.75 2.35
C ASP B 165 -10.65 20.17 1.84
N ASP B 166 -10.54 18.84 1.92
CA ASP B 166 -9.32 18.14 1.51
C ASP B 166 -9.28 17.77 0.04
N ILE B 167 -8.12 18.00 -0.57
CA ILE B 167 -7.89 17.61 -1.96
C ILE B 167 -7.50 16.14 -1.98
N GLN B 168 -8.25 15.35 -2.75
CA GLN B 168 -7.94 13.96 -3.00
C GLN B 168 -6.81 13.89 -4.03
N VAL B 169 -5.61 13.50 -3.59
CA VAL B 169 -4.44 13.36 -4.47
C VAL B 169 -4.63 12.18 -5.44
N LYS B 170 -5.04 11.03 -4.90
CA LYS B 170 -5.23 9.82 -5.69
C LYS B 170 -6.35 8.97 -5.10
N GLY B 171 -6.89 8.05 -5.92
CA GLY B 171 -7.92 7.11 -5.49
C GLY B 171 -7.45 6.20 -4.37
N PHE B 172 -8.33 5.90 -3.42
CA PHE B 172 -8.00 4.99 -2.30
C PHE B 172 -7.75 3.58 -2.79
N GLY B 173 -8.49 3.14 -3.81
CA GLY B 173 -8.50 1.75 -4.23
C GLY B 173 -8.98 0.83 -3.12
N SER B 174 -8.74 -0.46 -3.27
CA SER B 174 -9.06 -1.44 -2.24
C SER B 174 -8.05 -1.36 -1.10
N LEU B 175 -8.54 -1.13 0.11
CA LEU B 175 -7.64 -0.94 1.25
C LEU B 175 -7.77 -2.10 2.23
N THR B 176 -6.63 -2.54 2.77
CA THR B 176 -6.60 -3.49 3.87
C THR B 176 -5.57 -2.99 4.91
N PHE B 177 -5.90 -3.10 6.20
CA PHE B 177 -4.99 -2.63 7.25
C PHE B 177 -4.92 -3.61 8.41
N PRO B 178 -3.72 -3.71 9.04
CA PRO B 178 -3.59 -4.47 10.25
C PRO B 178 -4.50 -3.90 11.32
N LYS B 179 -5.19 -4.80 12.04
CA LYS B 179 -6.11 -4.41 13.10
C LYS B 179 -7.27 -3.55 12.61
N GLY B 180 -7.50 -3.56 11.31
CA GLY B 180 -8.62 -2.81 10.71
C GLY B 180 -8.52 -1.29 10.88
N ILE B 181 -7.29 -0.77 10.99
CA ILE B 181 -7.07 0.68 11.17
C ILE B 181 -6.01 1.26 10.21
N GLY B 182 -6.41 2.27 9.46
CA GLY B 182 -5.52 3.01 8.57
C GLY B 182 -5.49 4.49 8.88
N VAL B 183 -4.30 5.00 9.19
CA VAL B 183 -4.13 6.42 9.48
C VAL B 183 -3.01 7.07 8.64
N MSE B 184 -3.00 8.40 8.66
CA MSE B 184 -1.93 9.20 8.10
CA MSE B 184 -1.93 9.22 8.09
C MSE B 184 -0.83 9.32 9.12
O MSE B 184 -1.10 9.27 10.33
CB MSE B 184 -2.52 10.58 7.92
CB MSE B 184 -2.46 10.63 7.83
CG MSE B 184 -2.71 10.95 6.46
CG MSE B 184 -2.24 11.09 6.40
SE MSE B 184 -2.32 12.86 6.49
SE MSE B 184 -0.33 11.57 6.17
CE MSE B 184 -3.49 13.40 5.01
CE MSE B 184 -0.45 13.54 6.08
N ARG B 185 0.42 9.47 8.66
CA ARG B 185 1.59 9.60 9.58
C ARG B 185 1.42 10.78 10.55
N GLU B 186 2.01 10.65 11.74
CA GLU B 186 1.96 11.70 12.77
CA GLU B 186 1.88 11.70 12.75
C GLU B 186 2.42 13.05 12.26
N TYR B 187 1.95 14.12 12.90
CA TYR B 187 2.37 15.49 12.58
C TYR B 187 3.88 15.61 12.74
N ALA B 188 4.51 16.39 11.85
CA ALA B 188 5.95 16.67 11.94
C ALA B 188 6.35 17.26 13.30
N PRO B 189 7.45 16.75 13.90
CA PRO B 189 7.90 17.29 15.19
C PRO B 189 8.44 18.72 15.08
N ALA B 194 4.31 17.18 21.67
CA ALA B 194 3.89 15.78 21.66
C ALA B 194 3.28 15.46 20.30
N THR B 195 3.81 14.40 19.67
CA THR B 195 3.35 14.04 18.34
C THR B 195 1.89 13.57 18.40
N ALA B 196 1.18 13.73 17.29
CA ALA B 196 -0.22 13.33 17.19
C ALA B 196 -0.46 12.81 15.80
N PHE B 197 -1.29 11.78 15.68
CA PHE B 197 -1.89 11.37 14.42
C PHE B 197 -3.08 12.29 14.13
N PRO B 198 -3.24 12.77 12.89
CA PRO B 198 -4.48 13.52 12.64
C PRO B 198 -5.71 12.62 12.76
N ASN B 199 -6.88 13.21 13.02
CA ASN B 199 -8.14 12.45 13.08
C ASN B 199 -8.87 12.54 11.74
N THR B 200 -8.10 12.73 10.67
CA THR B 200 -8.56 12.71 9.28
C THR B 200 -7.34 12.65 8.34
N PRO B 201 -7.42 11.87 7.24
CA PRO B 201 -8.45 10.90 6.95
C PRO B 201 -8.35 9.73 7.95
N ILE B 202 -9.40 8.91 8.07
CA ILE B 202 -9.33 7.68 8.88
C ILE B 202 -9.98 6.56 8.10
N ALA B 203 -9.29 5.43 8.00
CA ALA B 203 -9.92 4.23 7.45
C ALA B 203 -10.05 3.15 8.52
N VAL B 204 -11.27 2.65 8.75
CA VAL B 204 -11.47 1.61 9.78
C VAL B 204 -12.46 0.54 9.42
N THR B 205 -12.33 -0.61 10.08
CA THR B 205 -13.40 -1.63 10.13
C THR B 205 -14.52 -1.16 11.07
N LYS B 206 -15.72 -1.72 10.85
CA LYS B 206 -16.91 -1.46 11.67
C LYS B 206 -16.68 -1.83 13.14
N ASN B 207 -17.23 -1.04 14.07
CA ASN B 207 -17.11 -1.34 15.50
C ASN B 207 -15.67 -1.63 15.96
N ASN B 208 -14.73 -0.81 15.50
CA ASN B 208 -13.30 -1.02 15.80
C ASN B 208 -12.96 -0.52 17.22
N PRO B 209 -12.16 -1.30 18.00
CA PRO B 209 -11.84 -0.92 19.39
C PRO B 209 -11.18 0.45 19.55
N ILE B 210 -10.45 0.89 18.55
CA ILE B 210 -9.81 2.21 18.58
C ILE B 210 -10.85 3.35 18.55
N ILE B 211 -11.88 3.20 17.72
CA ILE B 211 -12.95 4.16 17.61
C ILE B 211 -13.78 4.20 18.91
N ASN B 212 -14.14 3.02 19.42
CA ASN B 212 -14.85 2.90 20.69
C ASN B 212 -14.09 3.52 21.87
N LYS B 213 -12.80 3.27 21.90
CA LYS B 213 -11.94 3.89 22.88
C LYS B 213 -11.84 5.43 22.75
N THR B 214 -11.72 5.95 21.52
CA THR B 214 -11.70 7.40 21.29
C THR B 214 -13.03 8.00 21.79
N LEU B 215 -14.15 7.36 21.45
CA LEU B 215 -15.43 7.81 21.96
C LEU B 215 -15.50 7.79 23.48
N ASP B 216 -14.92 6.77 24.12
CA ASP B 216 -14.92 6.61 25.58
C ASP B 216 -14.11 7.72 26.28
N LEU B 217 -12.92 8.00 25.75
CA LEU B 217 -12.11 9.11 26.23
C LEU B 217 -12.81 10.45 26.05
N ALA B 218 -13.49 10.64 24.91
CA ALA B 218 -14.25 11.85 24.64
C ALA B 218 -15.35 12.10 25.69
N VAL B 219 -16.10 11.06 26.04
CA VAL B 219 -17.13 11.16 27.11
C VAL B 219 -16.52 11.65 28.43
N SER B 220 -15.39 11.07 28.79
CA SER B 220 -14.66 11.54 29.97
C SER B 220 -14.19 13.03 29.91
N ASN B 221 -13.69 13.46 28.75
CA ASN B 221 -13.22 14.84 28.53
C ASN B 221 -14.35 15.87 28.63
N TYR B 222 -15.48 15.58 27.97
CA TYR B 222 -16.70 16.39 28.10
C TYR B 222 -17.26 16.43 29.56
N GLN B 223 -17.38 15.27 30.22
CA GLN B 223 -17.87 15.16 31.59
C GLN B 223 -17.00 16.03 32.52
N ARG B 224 -15.69 15.96 32.33
CA ARG B 224 -14.70 16.79 33.05
C ARG B 224 -14.82 18.30 32.80
N GLY B 225 -15.43 18.68 31.68
CA GLY B 225 -15.51 20.07 31.25
C GLY B 225 -14.20 20.61 30.69
N GLU B 226 -13.43 19.74 30.02
CA GLU B 226 -12.24 20.17 29.31
C GLU B 226 -12.59 21.37 28.39
N LYS B 227 -11.79 22.43 28.44
CA LYS B 227 -12.14 23.62 27.66
C LYS B 227 -11.35 23.72 26.35
N ASN B 228 -10.19 23.06 26.29
CA ASN B 228 -9.43 22.99 25.06
C ASN B 228 -10.12 22.03 24.08
N VAL B 229 -10.62 22.61 22.99
CA VAL B 229 -11.44 21.88 22.01
C VAL B 229 -10.74 20.68 21.37
N LEU B 230 -9.45 20.82 21.05
CA LEU B 230 -8.68 19.70 20.54
C LEU B 230 -8.53 18.56 21.56
N LYS B 231 -8.68 18.88 22.84
CA LYS B 231 -8.52 17.87 23.92
C LYS B 231 -9.83 17.18 24.33
N LEU B 232 -10.91 17.50 23.61
CA LEU B 232 -12.22 16.88 23.81
C LEU B 232 -12.34 15.60 23.00
N ALA B 233 -12.35 15.72 21.68
CA ALA B 233 -12.40 14.53 20.80
C ALA B 233 -11.49 14.68 19.57
N GLY B 234 -10.50 15.55 19.68
CA GLY B 234 -9.58 15.83 18.57
C GLY B 234 -8.42 14.85 18.41
N PRO B 235 -7.41 15.25 17.64
CA PRO B 235 -6.24 14.43 17.29
C PRO B 235 -5.45 13.94 18.50
N ASP B 236 -5.37 14.75 19.55
CA ASP B 236 -4.71 14.28 20.80
C ASP B 236 -5.45 13.11 21.42
N VAL B 237 -6.78 13.15 21.38
CA VAL B 237 -7.61 12.10 21.97
C VAL B 237 -7.54 10.81 21.12
N PHE B 238 -7.66 10.98 19.81
CA PHE B 238 -7.50 9.86 18.85
C PHE B 238 -6.13 9.20 19.06
N THR B 239 -5.10 10.02 19.22
CA THR B 239 -3.76 9.51 19.46
C THR B 239 -3.68 8.70 20.75
N GLN B 240 -4.31 9.20 21.83
CA GLN B 240 -4.30 8.51 23.12
CA GLN B 240 -4.34 8.52 23.13
C GLN B 240 -4.97 7.14 22.99
N ALA B 241 -6.03 7.06 22.18
CA ALA B 241 -6.74 5.83 21.94
C ALA B 241 -5.91 4.85 21.14
N LEU B 242 -5.25 5.34 20.09
CA LEU B 242 -4.36 4.53 19.28
C LEU B 242 -3.27 3.91 20.12
N TYR B 243 -2.67 4.72 20.98
CA TYR B 243 -1.58 4.25 21.86
C TYR B 243 -2.03 3.20 22.89
N GLN B 244 -3.24 3.37 23.44
CA GLN B 244 -3.76 2.43 24.43
CA GLN B 244 -3.78 2.42 24.43
C GLN B 244 -4.10 1.09 23.79
N GLU B 245 -4.64 1.15 22.57
CA GLU B 245 -5.03 -0.05 21.87
C GLU B 245 -3.89 -0.73 21.11
N ILE B 246 -2.94 0.07 20.59
CA ILE B 246 -1.77 -0.42 19.81
C ILE B 246 -0.49 0.28 20.30
N PRO B 247 0.04 -0.17 21.45
CA PRO B 247 1.11 0.55 22.17
C PRO B 247 2.31 0.88 21.30
N GLY B 248 2.68 -0.05 20.41
CA GLY B 248 3.82 0.11 19.52
C GLY B 248 3.76 1.25 18.52
N LEU B 249 2.60 1.88 18.33
CA LEU B 249 2.49 3.08 17.49
C LEU B 249 3.21 4.29 18.13
N ASP B 250 3.50 4.19 19.42
CA ASP B 250 4.29 5.17 20.16
C ASP B 250 5.76 4.77 20.04
N SER B 251 6.54 5.62 19.38
CA SER B 251 7.95 5.33 19.10
C SER B 251 8.78 5.01 20.35
N LYS B 252 8.46 5.63 21.48
CA LYS B 252 9.11 5.35 22.76
C LYS B 252 8.81 3.92 23.26
N VAL B 253 7.57 3.48 23.08
CA VAL B 253 7.19 2.10 23.41
C VAL B 253 7.88 1.11 22.46
N LEU B 254 7.89 1.42 21.16
CA LEU B 254 8.52 0.52 20.20
C LEU B 254 10.04 0.44 20.38
N ASN B 255 10.65 1.56 20.73
CA ASN B 255 12.09 1.59 21.06
C ASN B 255 12.42 0.69 22.22
N ALA B 256 11.64 0.80 23.29
CA ALA B 256 11.78 -0.04 24.46
C ALA B 256 11.60 -1.53 24.11
N GLN B 257 10.62 -1.82 23.25
CA GLN B 257 10.42 -3.18 22.71
C GLN B 257 11.63 -3.69 21.88
N LEU B 258 12.20 -2.82 21.06
CA LEU B 258 13.35 -3.20 20.26
C LEU B 258 14.57 -3.42 21.13
N TYR B 259 14.67 -2.63 22.20
CA TYR B 259 15.72 -2.79 23.18
C TYR B 259 15.60 -4.13 23.91
N GLN B 260 14.37 -4.52 24.24
CA GLN B 260 14.11 -5.82 24.90
C GLN B 260 14.50 -6.99 24.01
N LEU B 261 14.19 -6.88 22.73
CA LEU B 261 14.51 -7.93 21.77
C LEU B 261 16.01 -8.06 21.55
N GLU B 262 16.69 -6.92 21.57
CA GLU B 262 18.15 -6.87 21.49
C GLU B 262 18.75 -7.67 22.65
N LEU B 263 18.25 -7.45 23.87
CA LEU B 263 18.72 -8.20 25.02
C LEU B 263 18.34 -9.68 24.96
N ALA B 264 17.10 -9.97 24.53
CA ALA B 264 16.68 -11.36 24.32
C ALA B 264 17.56 -12.09 23.29
N LYS B 265 17.92 -11.41 22.20
CA LYS B 265 18.84 -11.97 21.21
C LYS B 265 20.23 -12.25 21.81
N ARG B 266 20.70 -11.31 22.64
CA ARG B 266 21.95 -11.51 23.38
C ARG B 266 21.88 -12.71 24.35
N GLN B 267 20.78 -12.81 25.11
CA GLN B 267 20.54 -13.93 26.03
C GLN B 267 20.54 -15.25 25.28
N ALA B 268 19.83 -15.31 24.15
CA ALA B 268 19.77 -16.51 23.33
C ALA B 268 21.14 -16.94 22.77
N LEU B 269 21.95 -15.96 22.38
CA LEU B 269 23.26 -16.23 21.77
C LEU B 269 24.41 -16.46 22.79
N GLY B 270 24.18 -16.10 24.05
CA GLY B 270 25.22 -16.20 25.09
C GLY B 270 26.18 -15.01 25.08
N VAL B 271 25.78 -13.96 24.38
CA VAL B 271 26.55 -12.70 24.25
C VAL B 271 26.27 -11.85 25.51
N PRO B 272 27.29 -11.10 26.02
CA PRO B 272 27.02 -10.24 27.18
C PRO B 272 26.17 -9.02 26.84
N ASP B 281 29.16 -5.31 16.87
CA ASP B 281 28.15 -4.26 16.79
C ASP B 281 26.90 -4.63 17.61
N GLU B 282 25.75 -4.06 17.25
CA GLU B 282 24.46 -4.48 17.79
C GLU B 282 24.03 -5.79 17.15
N GLN B 283 23.23 -6.57 17.86
CA GLN B 283 22.83 -7.89 17.38
C GLN B 283 21.59 -7.87 16.44
N LEU B 284 20.58 -7.06 16.75
CA LEU B 284 19.43 -6.93 15.85
C LEU B 284 19.82 -6.37 14.49
N THR B 285 19.50 -7.09 13.42
CA THR B 285 19.80 -6.67 12.04
C THR B 285 18.70 -5.80 11.41
N SER B 286 19.07 -5.18 10.28
CA SER B 286 18.18 -4.31 9.51
C SER B 286 16.93 -5.08 9.09
N ALA B 287 17.13 -6.32 8.64
CA ALA B 287 16.01 -7.19 8.24
C ALA B 287 15.07 -7.50 9.41
N GLU B 288 15.62 -7.83 10.57
CA GLU B 288 14.82 -8.11 11.75
C GLU B 288 14.00 -6.88 12.19
N LYS B 289 14.61 -5.70 12.13
CA LYS B 289 13.92 -4.47 12.52
C LYS B 289 12.81 -4.09 11.53
N GLU B 290 13.00 -4.41 10.25
CA GLU B 290 11.97 -4.21 9.23
C GLU B 290 10.75 -5.07 9.56
N LYS B 291 10.98 -6.33 9.89
CA LYS B 291 9.88 -7.22 10.28
C LYS B 291 9.11 -6.71 11.50
N ILE B 292 9.83 -6.42 12.58
CA ILE B 292 9.23 -5.87 13.80
C ILE B 292 8.38 -4.62 13.54
N ASN B 293 8.90 -3.72 12.72
CA ASN B 293 8.21 -2.47 12.39
C ASN B 293 7.04 -2.58 11.40
N ARG B 294 6.93 -3.72 10.68
CA ARG B 294 6.08 -3.78 9.49
C ARG B 294 4.57 -3.55 9.72
N PRO B 295 3.98 -4.14 10.79
CA PRO B 295 2.54 -3.87 11.03
C PRO B 295 2.28 -2.39 11.37
N TYR B 296 3.19 -1.77 12.12
CA TYR B 296 3.06 -0.38 12.53
C TYR B 296 3.24 0.59 11.37
N GLN B 297 4.16 0.29 10.46
CA GLN B 297 4.32 1.12 9.27
C GLN B 297 3.13 0.92 8.34
N SER B 298 2.53 -0.27 8.37
CA SER B 298 1.39 -0.57 7.51
CA SER B 298 1.38 -0.57 7.52
C SER B 298 0.13 0.19 7.97
N ILE B 299 0.01 0.35 9.28
CA ILE B 299 -1.11 1.10 9.89
C ILE B 299 -1.05 2.57 9.41
N ARG B 300 0.16 3.04 9.11
CA ARG B 300 0.38 4.40 8.57
C ARG B 300 0.22 4.51 7.06
N GLY B 301 -0.37 3.47 6.46
CA GLY B 301 -0.50 3.37 5.01
C GLY B 301 -1.67 4.12 4.44
N LEU B 302 -2.27 5.02 5.21
CA LEU B 302 -3.28 5.94 4.67
C LEU B 302 -2.66 7.32 4.36
N SER B 303 -1.35 7.36 4.20
CA SER B 303 -0.62 8.58 3.85
C SER B 303 -0.51 8.82 2.33
N GLY B 304 -0.57 10.09 1.91
CA GLY B 304 -0.43 10.46 0.50
C GLY B 304 -1.68 10.46 -0.38
N TYR B 305 -2.83 10.10 0.19
CA TYR B 305 -4.09 10.05 -0.58
C TYR B 305 -4.84 11.37 -0.56
N VAL B 306 -4.60 12.13 0.51
CA VAL B 306 -5.32 13.37 0.76
C VAL B 306 -4.33 14.44 1.24
N GLU B 307 -4.41 15.65 0.68
CA GLU B 307 -3.61 16.79 1.18
C GLU B 307 -4.51 17.89 1.75
CA CA C . 3.93 -21.17 -11.99
C1' UD1 D . 9.57 -21.41 -13.01
C2' UD1 D . 10.20 -20.17 -12.39
C3' UD1 D . 9.62 -18.90 -13.02
C4' UD1 D . 9.69 -18.93 -14.54
C5' UD1 D . 9.15 -20.25 -15.09
C6' UD1 D . 9.36 -20.41 -16.60
C7' UD1 D . 10.92 -20.10 -10.09
C8' UD1 D . 10.52 -19.93 -8.64
N2' UD1 D . 9.92 -20.15 -10.97
O1' UD1 D . 8.19 -21.41 -12.65
O3' UD1 D . 10.22 -17.72 -12.47
O4' UD1 D . 8.85 -17.85 -14.98
O5' UD1 D . 9.74 -21.38 -14.43
O6' UD1 D . 10.77 -20.35 -16.91
O7' UD1 D . 12.09 -20.18 -10.44
N1 UD1 D . 2.67 -21.62 -19.76
C2 UD1 D . 1.84 -21.59 -20.91
N3 UD1 D . 1.60 -22.73 -21.57
C4 UD1 D . 2.12 -23.91 -21.17
C5 UD1 D . 2.96 -23.98 -20.05
C6 UD1 D . 3.21 -22.80 -19.34
O2 UD1 D . 1.33 -20.50 -21.32
O4 UD1 D . 1.85 -24.93 -21.83
C1B UD1 D . 2.96 -20.36 -19.05
C2B UD1 D . 1.99 -20.07 -17.91
O2' UD1 D . 1.68 -18.67 -17.95
C3B UD1 D . 2.78 -20.33 -16.64
C4B UD1 D . 4.18 -19.90 -17.11
O4B UD1 D . 4.28 -20.39 -18.46
O3B UD1 D . 2.27 -19.52 -15.57
C5B UD1 D . 5.28 -20.50 -16.27
O5B UD1 D . 5.12 -21.91 -16.27
PA UD1 D . 5.22 -22.79 -14.93
O1A UD1 D . 4.13 -22.33 -14.01
O2A UD1 D . 5.35 -24.22 -15.36
O3A UD1 D . 6.67 -22.30 -14.38
PB UD1 D . 7.26 -22.68 -12.91
O1B UD1 D . 8.12 -23.90 -13.06
O2B UD1 D . 6.16 -22.61 -11.88
C1' UD1 E . -9.05 21.45 13.49
C2' UD1 E . -8.24 20.20 13.82
C3' UD1 E . -9.08 18.98 13.45
C4' UD1 E . -10.41 18.99 14.19
C5' UD1 E . -11.15 20.30 13.87
C6' UD1 E . -12.48 20.45 14.61
C7' UD1 E . -5.83 20.43 13.66
C8' UD1 E . -4.59 20.41 12.79
N2' UD1 E . -7.00 20.20 13.06
O1' UD1 E . -9.26 21.43 12.08
O3' UD1 E . -8.39 17.77 13.67
O4' UD1 E . -11.12 17.85 13.74
O5' UD1 E . -10.32 21.43 14.17
O6' UD1 E . -12.25 20.53 16.02
O7' UD1 E . -5.77 20.65 14.85
N1 UD1 E . -17.87 21.50 9.46
C2 UD1 E . -19.24 21.41 9.13
N3 UD1 E . -19.99 22.51 9.13
C4 UD1 E . -19.46 23.70 9.44
C5 UD1 E . -18.10 23.81 9.79
C6 UD1 E . -17.31 22.68 9.79
O2 UD1 E . -19.72 20.30 8.84
O4 UD1 E . -20.17 24.72 9.46
C1B UD1 E . -17.09 20.25 9.46
C2B UD1 E . -16.38 19.89 8.17
O2' UD1 E . -16.58 18.47 7.99
C3B UD1 E . -14.93 20.11 8.49
C4B UD1 E . -14.90 19.74 9.97
O4B UD1 E . -16.12 20.28 10.51
O3B UD1 E . -14.15 19.25 7.66
C5B UD1 E . -13.75 20.35 10.75
O5B UD1 E . -13.76 21.74 10.41
PA UD1 E . -12.45 22.55 10.00
O1A UD1 E . -11.88 21.92 8.76
O2A UD1 E . -12.85 23.99 10.00
O3A UD1 E . -11.49 22.19 11.24
PB UD1 E . -9.94 22.65 11.31
O1B UD1 E . -9.33 22.60 9.93
O2B UD1 E . -9.86 23.86 12.20
CA CA F . -9.93 20.56 7.69
#